data_8KI5
#
_entry.id   8KI5
#
_cell.length_a   105.900
_cell.length_b   105.900
_cell.length_c   54.380
_cell.angle_alpha   90.00
_cell.angle_beta   90.00
_cell.angle_gamma   120.00
#
_symmetry.space_group_name_H-M   'P 64'
#
loop_
_entity.id
_entity.type
_entity.pdbx_description
1 polymer PhmA
2 non-polymer (2Z,6Z)-3,7,11-trimethyldodeca-2,6,10-trien-1-ol
3 water water
#
_entity_poly.entity_id   1
_entity_poly.type   'polypeptide(L)'
_entity_poly.pdbx_seq_one_letter_code
;MATTTTTTTSTEITSPRLASLFACNRHEKFRECVAYADESYAESLEPVAIIEESTPHSRLAKLGSCTAVLYPQGDFDRLP
ATIDGYMAFLFLDDLIDNSTDMSYISEITSRFMSTAKGTPTDDKRFFLLSRFFTDKRWDPQNLVLAIEEAQRFMDGALAL
RAIEIEERIITVEEYLDIRVPNTAMGFMFRVIGFAQPELAEDLNRVMAEKPDLWDRVESPSGKSVGIALDLFKVNGLHAE
VCSYTNVVKIWQRESPVAIDLGEAIKFMVSEFYRYEKEMAEALEELAEFSPGLAQAVRDVQGGTLGWMNAERGGRYSKIK
LAAALEHHHHHH
;
_entity_poly.pdbx_strand_id   A
#
loop_
_chem_comp.id
_chem_comp.type
_chem_comp.name
_chem_comp.formula
FOH non-polymer (2Z,6Z)-3,7,11-trimethyldodeca-2,6,10-trien-1-ol 'C15 H26 O'
#
# COMPACT_ATOMS: atom_id res chain seq x y z
N THR A 14 15.43 -0.85 -17.80
CA THR A 14 14.36 0.08 -18.19
C THR A 14 13.60 0.49 -16.92
N SER A 15 13.14 1.74 -16.88
CA SER A 15 12.50 2.38 -15.73
C SER A 15 13.47 2.67 -14.59
N PRO A 16 13.56 3.93 -14.12
CA PRO A 16 14.70 4.30 -13.27
C PRO A 16 14.42 4.27 -11.78
N ARG A 17 15.48 4.28 -10.98
CA ARG A 17 15.36 4.60 -9.58
C ARG A 17 14.62 5.93 -9.43
N LEU A 18 13.91 6.05 -8.32
CA LEU A 18 13.17 7.23 -7.93
C LEU A 18 13.69 7.72 -6.59
N ALA A 19 14.07 8.99 -6.53
CA ALA A 19 14.71 9.58 -5.35
C ALA A 19 13.60 10.24 -4.56
N SER A 20 13.09 9.52 -3.56
CA SER A 20 12.00 10.04 -2.74
C SER A 20 12.47 11.27 -1.96
N LEU A 21 11.55 12.22 -1.75
CA LEU A 21 11.86 13.33 -0.88
C LEU A 21 12.07 12.86 0.56
N PHE A 22 11.52 11.70 0.89
CA PHE A 22 11.38 11.23 2.27
C PHE A 22 12.45 10.20 2.59
N ALA A 23 13.09 10.41 3.73
CA ALA A 23 14.15 9.52 4.18
C ALA A 23 13.60 8.11 4.38
N CYS A 24 14.48 7.15 4.15
CA CYS A 24 14.20 5.74 4.43
C CYS A 24 14.92 5.39 5.74
N ASN A 25 14.18 5.27 6.82
CA ASN A 25 14.71 5.05 8.17
C ASN A 25 14.36 3.63 8.63
N ARG A 26 15.16 3.08 9.53
CA ARG A 26 15.12 1.65 9.87
C ARG A 26 14.89 1.50 11.36
N HIS A 27 13.92 0.63 11.71
CA HIS A 27 13.69 0.29 13.10
C HIS A 27 14.95 -0.33 13.70
N GLU A 28 15.20 0.02 14.96
CA GLU A 28 16.35 -0.48 15.70
C GLU A 28 16.46 -1.99 15.64
N LYS A 29 15.34 -2.70 15.61
CA LYS A 29 15.30 -4.16 15.68
C LYS A 29 15.00 -4.76 14.32
N PHE A 30 15.61 -4.23 13.25
CA PHE A 30 15.26 -4.75 11.94
C PHE A 30 15.72 -6.20 11.78
N ARG A 31 16.79 -6.60 12.47
CA ARG A 31 17.24 -7.97 12.29
C ARG A 31 16.29 -8.93 12.98
N GLU A 32 15.67 -8.52 14.09
CA GLU A 32 14.57 -9.30 14.64
C GLU A 32 13.41 -9.36 13.65
N CYS A 33 13.15 -8.28 12.91
CA CYS A 33 12.04 -8.33 11.97
C CYS A 33 12.31 -9.35 10.85
N VAL A 34 13.55 -9.46 10.41
CA VAL A 34 13.87 -10.34 9.29
C VAL A 34 13.73 -11.80 9.71
N ALA A 35 14.29 -12.15 10.85
CA ALA A 35 14.21 -13.53 11.31
C ALA A 35 12.79 -13.93 11.65
N TYR A 36 11.99 -13.01 12.19
CA TYR A 36 10.61 -13.39 12.41
C TYR A 36 9.91 -13.64 11.08
N ALA A 37 10.13 -12.76 10.09
CA ALA A 37 9.46 -12.94 8.79
C ALA A 37 9.80 -14.30 8.20
N ASP A 38 11.06 -14.73 8.35
CA ASP A 38 11.50 -16.04 7.83
C ASP A 38 10.78 -17.21 8.51
N GLU A 39 10.79 -17.25 9.83
CA GLU A 39 10.16 -18.36 10.55
C GLU A 39 8.66 -18.41 10.27
N SER A 40 7.99 -17.28 10.42
CA SER A 40 6.54 -17.25 10.25
C SER A 40 6.13 -17.62 8.84
N TYR A 41 6.81 -17.10 7.82
CA TYR A 41 6.53 -17.54 6.46
C TYR A 41 6.66 -19.07 6.34
N ALA A 42 7.76 -19.63 6.83
CA ALA A 42 7.95 -21.08 6.72
C ALA A 42 6.76 -21.83 7.31
N GLU A 43 6.29 -21.37 8.48
CA GLU A 43 5.28 -22.13 9.21
C GLU A 43 3.90 -21.99 8.58
N SER A 44 3.47 -20.76 8.31
CA SER A 44 2.04 -20.52 8.11
C SER A 44 1.66 -20.21 6.67
N LEU A 45 2.65 -20.12 5.76
CA LEU A 45 2.36 -19.66 4.39
C LEU A 45 2.99 -20.47 3.26
N GLU A 46 4.22 -20.95 3.48
CA GLU A 46 4.91 -21.76 2.47
C GLU A 46 4.07 -22.97 2.01
N PRO A 47 3.25 -23.57 2.89
CA PRO A 47 2.44 -24.72 2.45
C PRO A 47 1.37 -24.41 1.41
N VAL A 48 1.27 -23.17 0.96
CA VAL A 48 0.29 -22.78 -0.03
C VAL A 48 0.85 -21.64 -0.88
N SER A 58 11.33 -17.19 -0.30
CA SER A 58 10.82 -16.45 -1.44
C SER A 58 10.59 -14.98 -1.10
N ARG A 59 9.99 -14.25 -2.04
CA ARG A 59 9.83 -12.80 -1.89
C ARG A 59 9.07 -12.46 -0.60
N LEU A 60 8.10 -13.30 -0.23
CA LEU A 60 7.15 -12.91 0.82
C LEU A 60 7.85 -12.62 2.15
N ALA A 61 8.79 -13.48 2.54
CA ALA A 61 9.51 -13.23 3.77
C ALA A 61 10.32 -11.94 3.71
N LYS A 62 10.72 -11.47 2.54
CA LYS A 62 11.45 -10.21 2.53
C LYS A 62 10.58 -9.01 2.92
N LEU A 63 9.26 -9.19 3.14
CA LEU A 63 8.48 -8.19 3.86
C LEU A 63 8.82 -8.11 5.36
N GLY A 64 9.86 -8.82 5.77
CA GLY A 64 10.42 -8.62 7.09
C GLY A 64 11.16 -7.30 7.08
N SER A 65 12.27 -7.27 6.35
CA SER A 65 13.02 -6.03 6.24
C SER A 65 12.08 -4.85 5.94
N CYS A 66 10.96 -5.10 5.25
CA CYS A 66 10.20 -3.96 4.74
C CYS A 66 9.38 -3.29 5.86
N THR A 67 8.71 -4.08 6.70
CA THR A 67 7.95 -3.50 7.80
C THR A 67 8.87 -2.71 8.71
N ALA A 68 10.10 -3.18 8.84
CA ALA A 68 11.09 -2.46 9.66
C ALA A 68 11.35 -1.05 9.14
N VAL A 69 11.28 -0.80 7.83
CA VAL A 69 11.50 0.56 7.33
C VAL A 69 10.19 1.33 7.12
N LEU A 70 9.03 0.67 7.26
CA LEU A 70 7.75 1.37 7.19
C LEU A 70 7.38 2.02 8.52
N TYR A 71 7.76 1.38 9.64
CA TYR A 71 7.39 1.82 10.99
C TYR A 71 8.64 1.92 11.86
N PRO A 72 9.60 2.77 11.45
CA PRO A 72 10.86 2.86 12.20
C PRO A 72 10.71 3.38 13.62
N GLN A 73 9.72 4.21 13.89
CA GLN A 73 9.42 4.61 15.25
C GLN A 73 8.28 3.76 15.83
N GLY A 74 7.94 2.66 15.18
CA GLY A 74 6.97 1.73 15.72
C GLY A 74 7.42 1.01 16.97
N ASP A 75 6.43 0.40 17.63
CA ASP A 75 6.62 -0.45 18.80
C ASP A 75 7.03 -1.83 18.29
N PHE A 76 8.25 -2.25 18.59
CA PHE A 76 8.67 -3.53 18.06
C PHE A 76 7.64 -4.64 18.31
N ASP A 77 7.02 -4.62 19.50
CA ASP A 77 6.08 -5.68 19.88
C ASP A 77 4.90 -5.78 18.93
N ARG A 78 4.62 -4.72 18.16
CA ARG A 78 3.53 -4.76 17.18
C ARG A 78 3.98 -5.22 15.80
N LEU A 79 5.30 -5.39 15.58
CA LEU A 79 5.76 -5.55 14.20
C LEU A 79 5.63 -6.97 13.69
N PRO A 80 5.85 -7.99 14.52
CA PRO A 80 5.56 -9.37 14.04
C PRO A 80 4.12 -9.54 13.58
N ALA A 81 3.16 -8.99 14.34
CA ALA A 81 1.77 -9.09 13.88
C ALA A 81 1.59 -8.36 12.53
N THR A 82 2.24 -7.20 12.41
CA THR A 82 2.14 -6.44 11.17
C THR A 82 2.80 -7.18 10.02
N ILE A 83 3.97 -7.76 10.27
CA ILE A 83 4.65 -8.59 9.27
C ILE A 83 3.70 -9.66 8.77
N ASP A 84 3.10 -10.42 9.69
CA ASP A 84 2.20 -11.48 9.24
C ASP A 84 1.04 -10.95 8.40
N GLY A 85 0.47 -9.82 8.81
CA GLY A 85 -0.66 -9.28 8.08
C GLY A 85 -0.28 -8.89 6.68
N TYR A 86 0.92 -8.33 6.52
CA TYR A 86 1.37 -7.82 5.24
C TYR A 86 1.77 -8.95 4.31
N MET A 87 2.38 -10.01 4.84
CA MET A 87 2.66 -11.18 4.01
C MET A 87 1.39 -11.80 3.49
N ALA A 88 0.38 -11.95 4.36
CA ALA A 88 -0.91 -12.51 3.97
C ALA A 88 -1.57 -11.62 2.94
N PHE A 89 -1.54 -10.31 3.18
CA PHE A 89 -2.08 -9.36 2.20
C PHE A 89 -1.35 -9.47 0.88
N LEU A 90 -0.01 -9.51 0.91
CA LEU A 90 0.72 -9.61 -0.35
C LEU A 90 0.40 -10.93 -1.03
N PHE A 91 0.28 -12.01 -0.26
CA PHE A 91 -0.02 -13.31 -0.86
C PHE A 91 -1.35 -13.28 -1.61
N LEU A 92 -2.41 -12.82 -0.93
CA LEU A 92 -3.73 -12.85 -1.54
C LEU A 92 -3.82 -11.89 -2.72
N ASP A 93 -3.20 -10.70 -2.61
CA ASP A 93 -3.22 -9.77 -3.74
C ASP A 93 -2.50 -10.36 -4.96
N ASP A 94 -1.50 -11.22 -4.74
CA ASP A 94 -0.87 -11.92 -5.88
C ASP A 94 -1.88 -12.83 -6.59
N LEU A 95 -2.80 -13.45 -5.84
CA LEU A 95 -3.83 -14.25 -6.51
C LEU A 95 -4.81 -13.35 -7.28
N ILE A 96 -5.11 -12.18 -6.70
CA ILE A 96 -6.04 -11.26 -7.37
C ILE A 96 -5.42 -10.68 -8.63
N ASP A 97 -4.25 -10.02 -8.50
CA ASP A 97 -3.57 -9.41 -9.65
C ASP A 97 -3.30 -10.45 -10.74
N ASN A 98 -2.99 -11.68 -10.34
CA ASN A 98 -2.83 -12.81 -11.25
C ASN A 98 -4.13 -13.62 -11.29
N SER A 99 -5.12 -13.02 -11.91
CA SER A 99 -6.40 -13.67 -12.11
C SER A 99 -7.09 -13.05 -13.32
N THR A 100 -7.60 -13.93 -14.17
CA THR A 100 -8.10 -13.61 -15.49
C THR A 100 -9.54 -13.16 -15.52
N ASP A 101 -10.34 -13.64 -14.61
CA ASP A 101 -11.78 -13.46 -14.70
C ASP A 101 -12.32 -12.91 -13.41
N MET A 102 -13.43 -12.17 -13.54
CA MET A 102 -14.03 -11.47 -12.42
C MET A 102 -14.58 -12.45 -11.38
N SER A 103 -15.02 -13.65 -11.78
CA SER A 103 -15.67 -14.54 -10.82
C SER A 103 -14.69 -15.02 -9.73
N TYR A 104 -13.48 -15.42 -10.13
CA TYR A 104 -12.45 -15.77 -9.16
C TYR A 104 -12.10 -14.60 -8.28
N ILE A 105 -11.73 -13.45 -8.87
CA ILE A 105 -11.32 -12.28 -8.09
C ILE A 105 -12.37 -11.87 -7.08
N SER A 106 -13.65 -11.94 -7.46
CA SER A 106 -14.73 -11.61 -6.54
C SER A 106 -14.75 -12.54 -5.34
N GLU A 107 -14.53 -13.85 -5.57
CA GLU A 107 -14.54 -14.78 -4.45
C GLU A 107 -13.39 -14.52 -3.49
N ILE A 108 -12.19 -14.27 -4.01
CA ILE A 108 -11.05 -14.00 -3.13
C ILE A 108 -11.24 -12.70 -2.37
N THR A 109 -11.70 -11.64 -3.06
CA THR A 109 -11.85 -10.36 -2.37
C THR A 109 -12.91 -10.44 -1.28
N SER A 110 -14.04 -11.09 -1.57
CA SER A 110 -15.05 -11.20 -0.53
C SER A 110 -14.54 -12.07 0.61
N ARG A 111 -13.78 -13.15 0.34
CA ARG A 111 -13.23 -13.92 1.44
C ARG A 111 -12.25 -13.07 2.24
N PHE A 112 -11.48 -12.23 1.55
CA PHE A 112 -10.55 -11.34 2.23
C PHE A 112 -11.30 -10.46 3.21
N MET A 113 -12.40 -9.83 2.77
CA MET A 113 -13.11 -8.90 3.64
C MET A 113 -13.84 -9.61 4.79
N SER A 114 -14.47 -10.77 4.54
CA SER A 114 -15.06 -11.48 5.69
C SER A 114 -13.95 -11.90 6.67
N THR A 115 -12.80 -12.29 6.16
CA THR A 115 -11.69 -12.55 7.08
C THR A 115 -11.28 -11.27 7.85
N ALA A 116 -11.16 -10.14 7.17
CA ALA A 116 -10.81 -8.91 7.89
C ALA A 116 -11.85 -8.57 8.94
N LYS A 117 -13.09 -8.97 8.73
CA LYS A 117 -14.18 -8.69 9.66
C LYS A 117 -14.37 -9.78 10.71
N GLY A 118 -13.42 -10.69 10.89
CA GLY A 118 -13.41 -11.58 12.03
C GLY A 118 -14.08 -12.91 11.81
N THR A 119 -14.54 -13.20 10.61
CA THR A 119 -15.10 -14.51 10.34
C THR A 119 -13.99 -15.54 10.54
N PRO A 120 -14.17 -16.55 11.39
CA PRO A 120 -13.07 -17.52 11.60
C PRO A 120 -12.79 -18.40 10.39
N THR A 121 -11.51 -18.74 10.22
CA THR A 121 -11.12 -19.63 9.15
C THR A 121 -9.95 -20.50 9.60
N ASP A 122 -9.94 -21.72 9.10
CA ASP A 122 -8.86 -22.71 9.19
C ASP A 122 -8.23 -22.94 7.82
N ASP A 123 -8.22 -21.92 7.00
CA ASP A 123 -7.71 -21.96 5.64
C ASP A 123 -6.42 -21.16 5.60
N LYS A 124 -5.31 -21.84 5.27
CA LYS A 124 -4.02 -21.15 5.33
C LYS A 124 -3.88 -20.03 4.31
N ARG A 125 -4.73 -19.99 3.28
CA ARG A 125 -4.77 -18.80 2.44
C ARG A 125 -5.12 -17.55 3.27
N PHE A 126 -5.80 -17.72 4.42
CA PHE A 126 -6.41 -16.59 5.15
C PHE A 126 -5.97 -16.51 6.59
N PHE A 127 -5.29 -17.52 7.11
CA PHE A 127 -5.02 -17.63 8.54
C PHE A 127 -4.20 -16.45 9.05
N LEU A 128 -3.10 -16.11 8.37
CA LEU A 128 -2.32 -14.98 8.87
C LEU A 128 -3.08 -13.67 8.73
N LEU A 129 -3.88 -13.52 7.66
CA LEU A 129 -4.71 -12.33 7.55
C LEU A 129 -5.64 -12.20 8.76
N SER A 130 -6.26 -13.31 9.15
CA SER A 130 -7.18 -13.35 10.28
C SER A 130 -6.46 -12.95 11.55
N ARG A 131 -5.28 -13.54 11.80
CA ARG A 131 -4.51 -13.19 12.99
C ARG A 131 -4.30 -11.68 13.11
N PHE A 132 -3.90 -11.04 12.02
CA PHE A 132 -3.62 -9.60 12.04
C PHE A 132 -4.88 -8.79 12.34
N PHE A 133 -5.99 -9.08 11.65
CA PHE A 133 -7.20 -8.29 11.81
C PHE A 133 -7.97 -8.60 13.09
N THR A 134 -7.73 -9.74 13.73
CA THR A 134 -8.32 -10.04 15.02
C THR A 134 -7.37 -9.79 16.19
N ASP A 135 -6.28 -9.09 15.97
CA ASP A 135 -5.29 -8.87 17.02
C ASP A 135 -5.92 -7.98 18.07
N LYS A 136 -5.98 -8.46 19.30
CA LYS A 136 -6.76 -7.75 20.30
C LYS A 136 -6.21 -6.38 20.66
N ARG A 137 -5.03 -6.01 20.17
CA ARG A 137 -4.42 -4.74 20.60
C ARG A 137 -4.80 -3.56 19.70
N TRP A 138 -5.52 -3.80 18.60
CA TRP A 138 -5.94 -2.70 17.76
C TRP A 138 -6.72 -1.69 18.59
N ASP A 139 -6.44 -0.42 18.37
CA ASP A 139 -7.39 0.60 18.76
C ASP A 139 -8.68 0.34 17.97
N PRO A 140 -9.84 0.41 18.61
CA PRO A 140 -11.04 -0.07 17.90
C PRO A 140 -11.40 0.78 16.71
N GLN A 141 -11.31 2.12 16.80
CA GLN A 141 -11.64 2.93 15.64
C GLN A 141 -10.56 2.85 14.56
N ASN A 142 -9.28 2.62 14.93
CA ASN A 142 -8.27 2.33 13.91
C ASN A 142 -8.62 1.05 13.12
N LEU A 143 -9.09 0.01 13.80
CA LEU A 143 -9.45 -1.21 13.10
C LEU A 143 -10.57 -0.96 12.08
N VAL A 144 -11.62 -0.27 12.52
CA VAL A 144 -12.68 0.06 11.60
C VAL A 144 -12.11 0.86 10.41
N LEU A 145 -11.22 1.82 10.67
CA LEU A 145 -10.59 2.52 9.56
C LEU A 145 -9.86 1.57 8.63
N ALA A 146 -9.16 0.59 9.20
CA ALA A 146 -8.36 -0.32 8.38
C ALA A 146 -9.24 -1.18 7.51
N ILE A 147 -10.30 -1.77 8.11
CA ILE A 147 -11.26 -2.56 7.35
C ILE A 147 -11.85 -1.74 6.22
N GLU A 148 -12.36 -0.54 6.54
CA GLU A 148 -12.94 0.28 5.48
C GLU A 148 -11.95 0.57 4.36
N GLU A 149 -10.67 0.74 4.68
CA GLU A 149 -9.73 1.06 3.61
C GLU A 149 -9.38 -0.20 2.83
N ALA A 150 -9.29 -1.35 3.51
CA ALA A 150 -9.09 -2.59 2.78
C ALA A 150 -10.21 -2.80 1.77
N GLN A 151 -11.44 -2.49 2.16
CA GLN A 151 -12.52 -2.59 1.20
C GLN A 151 -12.28 -1.67 0.00
N ARG A 152 -11.72 -0.45 0.24
CA ARG A 152 -11.48 0.45 -0.90
C ARG A 152 -10.43 -0.12 -1.82
N PHE A 153 -9.44 -0.80 -1.23
CA PHE A 153 -8.39 -1.48 -2.00
C PHE A 153 -8.99 -2.56 -2.90
N MET A 154 -9.87 -3.38 -2.31
CA MET A 154 -10.51 -4.47 -3.04
C MET A 154 -11.41 -3.94 -4.15
N ASP A 155 -12.26 -2.97 -3.85
CA ASP A 155 -13.08 -2.36 -4.89
C ASP A 155 -12.21 -1.80 -6.00
N GLY A 156 -11.08 -1.19 -5.62
CA GLY A 156 -10.14 -0.75 -6.62
C GLY A 156 -9.62 -1.87 -7.49
N ALA A 157 -9.25 -3.00 -6.89
CA ALA A 157 -8.73 -4.08 -7.71
C ALA A 157 -9.80 -4.63 -8.64
N LEU A 158 -11.04 -4.74 -8.16
CA LEU A 158 -12.12 -5.25 -8.99
C LEU A 158 -12.42 -4.32 -10.17
N ALA A 159 -12.41 -3.01 -9.91
CA ALA A 159 -12.65 -2.06 -11.00
C ALA A 159 -11.53 -2.13 -12.04
N LEU A 160 -10.28 -2.26 -11.59
CA LEU A 160 -9.18 -2.28 -12.53
C LEU A 160 -9.21 -3.56 -13.35
N ARG A 161 -9.49 -4.71 -12.72
CA ARG A 161 -9.57 -5.95 -13.50
C ARG A 161 -10.63 -5.81 -14.58
N ALA A 162 -11.81 -5.32 -14.21
CA ALA A 162 -12.90 -5.18 -15.17
C ALA A 162 -12.49 -4.31 -16.35
N ILE A 163 -11.73 -3.24 -16.09
CA ILE A 163 -11.24 -2.36 -17.15
C ILE A 163 -10.32 -3.13 -18.09
N GLU A 164 -9.42 -3.94 -17.53
CA GLU A 164 -8.50 -4.73 -18.35
C GLU A 164 -9.24 -5.77 -19.19
N ILE A 165 -10.28 -6.38 -18.62
CA ILE A 165 -11.07 -7.35 -19.37
C ILE A 165 -11.89 -6.67 -20.45
N GLU A 166 -12.46 -5.50 -20.15
CA GLU A 166 -13.24 -4.79 -21.15
C GLU A 166 -12.34 -4.12 -22.17
N GLU A 167 -11.05 -3.98 -21.87
CA GLU A 167 -10.14 -3.20 -22.72
C GLU A 167 -10.71 -1.78 -22.89
N ARG A 168 -11.16 -1.21 -21.75
CA ARG A 168 -11.67 0.15 -21.72
C ARG A 168 -10.53 1.16 -21.70
N ILE A 169 -10.56 2.12 -22.61
CA ILE A 169 -9.61 3.22 -22.58
C ILE A 169 -10.13 4.28 -21.62
N ILE A 170 -9.35 4.56 -20.59
CA ILE A 170 -9.68 5.57 -19.60
C ILE A 170 -8.51 6.52 -19.57
N THR A 171 -8.73 7.70 -18.97
CA THR A 171 -7.67 8.67 -18.85
C THR A 171 -6.74 8.36 -17.67
N VAL A 172 -5.59 9.03 -17.67
CA VAL A 172 -4.68 8.98 -16.55
C VAL A 172 -5.40 9.41 -15.28
N GLU A 173 -6.19 10.47 -15.39
CA GLU A 173 -6.86 11.04 -14.22
C GLU A 173 -7.89 10.06 -13.67
N GLU A 174 -8.71 9.46 -14.53
CA GLU A 174 -9.64 8.43 -14.08
C GLU A 174 -8.89 7.24 -13.46
N TYR A 175 -7.79 6.81 -14.10
CA TYR A 175 -7.01 5.71 -13.57
C TYR A 175 -6.53 6.00 -12.16
N LEU A 176 -5.90 7.17 -11.97
CA LEU A 176 -5.22 7.36 -10.71
C LEU A 176 -6.21 7.47 -9.57
N ASP A 177 -7.38 8.07 -9.83
CA ASP A 177 -8.41 8.15 -8.80
C ASP A 177 -8.87 6.75 -8.37
N ILE A 178 -8.98 5.81 -9.32
CA ILE A 178 -9.30 4.41 -8.95
C ILE A 178 -8.14 3.77 -8.24
N ARG A 179 -6.93 4.02 -8.73
CA ARG A 179 -5.74 3.32 -8.29
C ARG A 179 -5.33 3.68 -6.87
N VAL A 180 -5.56 4.92 -6.44
CA VAL A 180 -5.02 5.39 -5.15
C VAL A 180 -5.26 4.39 -4.02
N PRO A 181 -6.49 3.93 -3.73
CA PRO A 181 -6.67 2.95 -2.61
C PRO A 181 -5.99 1.63 -2.88
N ASN A 182 -5.93 1.25 -4.14
CA ASN A 182 -5.33 -0.02 -4.51
C ASN A 182 -3.82 0.01 -4.44
N THR A 183 -3.19 1.15 -4.14
CA THR A 183 -1.75 1.13 -3.88
C THR A 183 -1.42 0.64 -2.47
N ALA A 184 -2.44 0.53 -1.59
CA ALA A 184 -2.34 0.19 -0.16
C ALA A 184 -1.62 1.24 0.67
N MET A 185 -1.28 2.41 0.11
CA MET A 185 -0.66 3.46 0.91
C MET A 185 -1.58 3.89 2.06
N GLY A 186 -2.86 4.15 1.73
CA GLY A 186 -3.79 4.58 2.74
C GLY A 186 -3.99 3.50 3.80
N PHE A 187 -3.96 2.25 3.38
CA PHE A 187 -4.01 1.14 4.34
C PHE A 187 -2.79 1.15 5.25
N MET A 188 -1.60 1.32 4.66
CA MET A 188 -0.41 1.30 5.50
C MET A 188 -0.38 2.51 6.43
N PHE A 189 -0.99 3.63 6.00
CA PHE A 189 -1.10 4.79 6.86
C PHE A 189 -2.06 4.51 8.03
N ARG A 190 -3.19 3.84 7.78
CA ARG A 190 -4.07 3.47 8.90
C ARG A 190 -3.35 2.51 9.87
N VAL A 191 -2.48 1.63 9.35
CA VAL A 191 -1.78 0.67 10.21
C VAL A 191 -0.74 1.36 11.08
N ILE A 192 -0.38 2.59 10.75
CA ILE A 192 0.45 3.38 11.67
C ILE A 192 -0.14 3.32 13.07
N GLY A 193 -1.47 3.46 13.20
CA GLY A 193 -2.03 3.44 14.54
C GLY A 193 -1.84 2.11 15.26
N PHE A 194 -1.74 1.02 14.52
CA PHE A 194 -1.47 -0.25 15.18
C PHE A 194 0.01 -0.48 15.50
N ALA A 195 0.90 -0.10 14.56
CA ALA A 195 2.32 -0.34 14.76
C ALA A 195 2.92 0.62 15.76
N GLN A 196 2.36 1.84 15.87
CA GLN A 196 2.94 2.93 16.67
C GLN A 196 1.77 3.47 17.49
N PRO A 197 1.36 2.73 18.51
CA PRO A 197 0.05 2.97 19.12
C PRO A 197 -0.06 4.31 19.81
N GLU A 198 1.06 4.99 20.09
CA GLU A 198 1.00 6.36 20.58
C GLU A 198 0.28 7.30 19.62
N LEU A 199 0.13 6.92 18.35
CA LEU A 199 -0.45 7.77 17.33
C LEU A 199 -1.90 7.39 17.00
N ALA A 200 -2.41 6.34 17.63
CA ALA A 200 -3.75 5.89 17.34
C ALA A 200 -4.76 7.02 17.51
N GLU A 201 -4.67 7.77 18.62
CA GLU A 201 -5.65 8.80 18.88
C GLU A 201 -5.55 9.91 17.85
N ASP A 202 -4.33 10.35 17.51
CA ASP A 202 -4.21 11.41 16.51
C ASP A 202 -4.76 10.95 15.16
N LEU A 203 -4.56 9.67 14.84
CA LEU A 203 -5.10 9.15 13.58
C LEU A 203 -6.61 9.23 13.58
N ASN A 204 -7.25 8.78 14.67
CA ASN A 204 -8.71 8.90 14.75
C ASN A 204 -9.15 10.35 14.65
N ARG A 205 -8.45 11.25 15.35
CA ARG A 205 -8.85 12.64 15.40
C ARG A 205 -8.80 13.24 14.02
N VAL A 206 -7.73 12.97 13.28
CA VAL A 206 -7.55 13.67 12.02
C VAL A 206 -8.62 13.23 11.05
N MET A 207 -8.97 11.94 11.09
CA MET A 207 -10.02 11.41 10.23
C MET A 207 -11.39 11.97 10.59
N ALA A 208 -11.64 12.19 11.88
CA ALA A 208 -12.95 12.68 12.29
C ALA A 208 -13.07 14.20 12.22
N GLU A 209 -11.95 14.92 12.33
CA GLU A 209 -11.97 16.37 12.41
C GLU A 209 -11.38 17.08 11.22
N LYS A 210 -10.43 16.47 10.51
CA LYS A 210 -9.80 17.17 9.40
C LYS A 210 -9.66 16.20 8.23
N PRO A 211 -10.73 15.55 7.78
CA PRO A 211 -10.61 14.59 6.69
C PRO A 211 -10.08 15.20 5.43
N ASP A 212 -10.36 16.49 5.19
CA ASP A 212 -9.89 17.12 3.97
C ASP A 212 -8.38 17.22 3.96
N LEU A 213 -7.79 17.69 5.06
CA LEU A 213 -6.35 17.72 5.18
C LEU A 213 -5.78 16.32 5.04
N TRP A 214 -6.42 15.34 5.67
CA TRP A 214 -5.93 13.98 5.54
C TRP A 214 -5.89 13.57 4.07
N ASP A 215 -6.92 13.94 3.33
CA ASP A 215 -6.95 13.49 1.94
C ASP A 215 -5.93 14.25 1.09
N ARG A 216 -5.58 15.48 1.49
CA ARG A 216 -4.53 16.22 0.77
C ARG A 216 -3.17 15.56 0.90
N VAL A 217 -2.98 14.79 1.97
CA VAL A 217 -1.75 14.02 2.14
C VAL A 217 -1.86 12.69 1.38
N GLU A 218 -2.91 11.95 1.61
CA GLU A 218 -2.97 10.58 1.12
C GLU A 218 -3.17 10.54 -0.39
N SER A 219 -3.93 11.46 -0.95
CA SER A 219 -4.14 11.43 -2.39
C SER A 219 -2.85 11.56 -3.21
N PRO A 220 -1.99 12.58 -3.03
CA PRO A 220 -0.72 12.57 -3.78
C PRO A 220 0.18 11.41 -3.36
N SER A 221 0.04 10.89 -2.15
CA SER A 221 0.84 9.72 -1.82
C SER A 221 0.45 8.55 -2.72
N GLY A 222 -0.84 8.21 -2.78
CA GLY A 222 -1.25 7.09 -3.60
C GLY A 222 -0.96 7.29 -5.06
N LYS A 223 -1.09 8.53 -5.55
CA LYS A 223 -0.77 8.83 -6.95
C LYS A 223 0.71 8.62 -7.24
N SER A 224 1.59 9.14 -6.37
CA SER A 224 3.03 8.97 -6.61
C SER A 224 3.41 7.52 -6.51
N VAL A 225 2.89 6.82 -5.49
CA VAL A 225 3.31 5.43 -5.35
C VAL A 225 2.65 4.56 -6.42
N GLY A 226 1.43 4.88 -6.85
CA GLY A 226 0.84 4.15 -7.97
C GLY A 226 1.66 4.30 -9.23
N ILE A 227 2.19 5.51 -9.46
CA ILE A 227 3.06 5.72 -10.60
C ILE A 227 4.31 4.90 -10.43
N ALA A 228 4.88 4.95 -9.22
CA ALA A 228 6.10 4.21 -8.95
C ALA A 228 5.89 2.71 -9.19
N LEU A 229 4.79 2.17 -8.66
CA LEU A 229 4.47 0.76 -8.87
C LEU A 229 4.37 0.42 -10.34
N ASP A 230 3.60 1.20 -11.11
CA ASP A 230 3.43 0.88 -12.51
C ASP A 230 4.74 1.00 -13.26
N LEU A 231 5.54 2.01 -12.92
CA LEU A 231 6.86 2.14 -13.53
C LEU A 231 7.70 0.91 -13.26
N PHE A 232 7.64 0.40 -12.03
CA PHE A 232 8.55 -0.67 -11.64
C PHE A 232 8.22 -2.01 -12.28
N LYS A 233 7.04 -2.17 -12.89
CA LYS A 233 6.76 -3.42 -13.58
C LYS A 233 6.83 -3.35 -15.10
N VAL A 234 7.56 -2.40 -15.65
CA VAL A 234 7.81 -2.35 -17.07
C VAL A 234 8.90 -3.34 -17.50
N VAL A 241 3.01 -7.02 -19.17
CA VAL A 241 2.09 -6.76 -20.27
C VAL A 241 0.69 -6.54 -19.67
N CYS A 242 0.39 -5.25 -19.27
CA CYS A 242 -0.88 -4.89 -18.59
C CYS A 242 -1.39 -3.54 -19.15
N SER A 243 -2.06 -3.62 -20.30
CA SER A 243 -2.06 -2.52 -21.25
C SER A 243 -3.11 -1.44 -20.98
N TYR A 244 -4.20 -1.74 -20.25
CA TYR A 244 -5.22 -0.72 -20.01
C TYR A 244 -5.24 -0.23 -18.56
N THR A 245 -4.37 -0.77 -17.71
CA THR A 245 -4.37 -0.50 -16.27
C THR A 245 -2.97 -0.25 -15.75
N ASN A 246 -2.07 0.21 -16.62
CA ASN A 246 -0.74 0.69 -16.27
C ASN A 246 -0.67 2.14 -16.74
N VAL A 247 -0.33 3.04 -15.82
CA VAL A 247 -0.44 4.46 -16.13
C VAL A 247 0.50 4.85 -17.27
N VAL A 248 1.61 4.14 -17.43
CA VAL A 248 2.53 4.43 -18.54
C VAL A 248 1.84 4.17 -19.87
N LYS A 249 1.19 3.00 -20.01
CA LYS A 249 0.50 2.71 -21.27
C LYS A 249 -0.71 3.61 -21.42
N ILE A 250 -1.35 3.96 -20.32
CA ILE A 250 -2.54 4.80 -20.38
C ILE A 250 -2.16 6.18 -20.92
N TRP A 251 -1.11 6.78 -20.35
CA TRP A 251 -0.65 8.07 -20.87
C TRP A 251 -0.20 7.95 -22.32
N GLN A 252 0.33 6.80 -22.72
CA GLN A 252 0.67 6.67 -24.13
C GLN A 252 -0.54 6.93 -25.01
N ARG A 253 -1.72 6.42 -24.64
CA ARG A 253 -2.89 6.68 -25.48
C ARG A 253 -3.41 8.09 -25.29
N GLU A 254 -3.35 8.59 -24.08
CA GLU A 254 -3.96 9.90 -23.85
C GLU A 254 -3.16 11.00 -24.52
N SER A 255 -1.86 10.79 -24.68
CA SER A 255 -0.95 11.88 -25.01
C SER A 255 -1.40 12.58 -26.28
N PRO A 256 -1.32 13.92 -26.33
CA PRO A 256 -1.67 14.63 -27.58
C PRO A 256 -0.73 14.35 -28.75
N VAL A 257 0.49 13.91 -28.49
CA VAL A 257 1.45 13.59 -29.57
C VAL A 257 1.92 12.16 -29.32
N ALA A 258 2.30 11.47 -30.37
CA ALA A 258 2.78 10.11 -30.23
C ALA A 258 4.01 10.09 -29.32
N ILE A 259 4.01 9.16 -28.37
CA ILE A 259 5.13 8.91 -27.47
C ILE A 259 5.36 7.41 -27.40
N ASP A 260 6.64 7.00 -27.34
CA ASP A 260 6.97 5.61 -27.08
C ASP A 260 7.04 5.35 -25.59
N LEU A 261 7.27 4.09 -25.23
CA LEU A 261 7.31 3.68 -23.83
C LEU A 261 8.35 4.48 -23.05
N GLY A 262 9.54 4.68 -23.64
CA GLY A 262 10.58 5.40 -22.95
C GLY A 262 10.20 6.85 -22.66
N GLU A 263 9.55 7.52 -23.62
CA GLU A 263 9.10 8.88 -23.37
C GLU A 263 7.96 8.93 -22.38
N ALA A 264 7.05 7.94 -22.41
CA ALA A 264 5.96 7.90 -21.43
C ALA A 264 6.50 7.73 -20.01
N ILE A 265 7.51 6.87 -19.85
CA ILE A 265 8.18 6.70 -18.57
C ILE A 265 8.78 8.02 -18.07
N LYS A 266 9.52 8.70 -18.96
CA LYS A 266 10.14 9.98 -18.60
C LYS A 266 9.10 10.91 -18.00
N PHE A 267 7.95 11.05 -18.66
CA PHE A 267 6.92 11.96 -18.16
C PHE A 267 6.36 11.49 -16.83
N MET A 268 6.05 10.18 -16.70
CA MET A 268 5.42 9.76 -15.46
C MET A 268 6.40 9.85 -14.29
N VAL A 269 7.69 9.63 -14.56
CA VAL A 269 8.72 9.96 -13.57
C VAL A 269 8.61 11.42 -13.15
N SER A 270 8.47 12.34 -14.11
CA SER A 270 8.26 13.74 -13.76
C SER A 270 7.03 13.88 -12.87
N GLU A 271 5.98 13.11 -13.17
CA GLU A 271 4.77 13.19 -12.37
C GLU A 271 5.02 12.69 -10.95
N PHE A 272 5.83 11.62 -10.81
CA PHE A 272 6.11 11.12 -9.47
C PHE A 272 6.72 12.20 -8.59
N TYR A 273 7.70 12.95 -9.13
CA TYR A 273 8.34 13.98 -8.32
C TYR A 273 7.35 15.09 -7.99
N ARG A 274 6.47 15.41 -8.94
CA ARG A 274 5.46 16.45 -8.72
C ARG A 274 4.48 16.10 -7.60
N TYR A 275 3.99 14.85 -7.59
CA TYR A 275 3.07 14.45 -6.53
C TYR A 275 3.75 14.40 -5.17
N GLU A 276 5.02 13.97 -5.13
CA GLU A 276 5.71 13.92 -3.84
C GLU A 276 5.87 15.34 -3.27
N LYS A 277 6.17 16.32 -4.13
CA LYS A 277 6.25 17.73 -3.71
C LYS A 277 4.90 18.20 -3.16
N GLU A 278 3.80 17.81 -3.81
CA GLU A 278 2.46 18.16 -3.34
C GLU A 278 2.18 17.48 -1.99
N MET A 279 2.61 16.24 -1.85
CA MET A 279 2.42 15.54 -0.59
C MET A 279 3.20 16.19 0.54
N ALA A 280 4.44 16.59 0.26
CA ALA A 280 5.30 17.16 1.30
C ALA A 280 4.72 18.48 1.79
N GLU A 281 4.14 19.26 0.88
CA GLU A 281 3.50 20.51 1.26
C GLU A 281 2.30 20.23 2.17
N ALA A 282 1.50 19.21 1.83
CA ALA A 282 0.35 18.83 2.65
C ALA A 282 0.78 18.31 4.01
N LEU A 283 1.94 17.64 4.09
CA LEU A 283 2.42 17.11 5.34
C LEU A 283 2.88 18.21 6.29
N GLU A 284 3.18 19.40 5.77
CA GLU A 284 3.56 20.51 6.63
C GLU A 284 2.34 21.03 7.39
N GLU A 285 1.16 21.03 6.75
CA GLU A 285 -0.05 21.30 7.54
C GLU A 285 -0.38 20.16 8.53
N LEU A 286 -0.23 18.90 8.12
CA LEU A 286 -0.53 17.81 9.07
C LEU A 286 0.37 17.90 10.28
N ALA A 287 1.62 18.30 10.05
CA ALA A 287 2.63 18.29 11.09
C ALA A 287 2.30 19.29 12.18
N GLU A 288 1.65 20.41 11.85
CA GLU A 288 1.23 21.27 12.94
C GLU A 288 0.05 20.66 13.71
N PHE A 289 -0.77 19.80 13.06
CA PHE A 289 -1.81 19.08 13.80
C PHE A 289 -1.21 17.93 14.60
N SER A 290 -0.28 17.16 14.01
CA SER A 290 0.39 16.07 14.73
C SER A 290 1.76 15.87 14.13
N PRO A 291 2.82 16.40 14.77
CA PRO A 291 4.16 16.17 14.21
C PRO A 291 4.49 14.70 14.15
N GLY A 292 4.06 13.94 15.18
CA GLY A 292 4.35 12.51 15.23
C GLY A 292 3.72 11.74 14.09
N LEU A 293 2.44 12.01 13.84
CA LEU A 293 1.75 11.34 12.74
C LEU A 293 2.35 11.76 11.40
N ALA A 294 2.66 13.04 11.25
CA ALA A 294 3.23 13.48 9.99
C ALA A 294 4.57 12.81 9.74
N GLN A 295 5.41 12.73 10.76
CA GLN A 295 6.68 12.00 10.60
C GLN A 295 6.43 10.52 10.26
N ALA A 296 5.46 9.87 10.89
CA ALA A 296 5.26 8.46 10.60
C ALA A 296 4.79 8.25 9.15
N VAL A 297 3.98 9.17 8.63
CA VAL A 297 3.57 9.09 7.24
C VAL A 297 4.78 9.29 6.33
N ARG A 298 5.62 10.28 6.63
CA ARG A 298 6.87 10.46 5.87
C ARG A 298 7.66 9.14 5.84
N ASP A 299 7.77 8.49 7.00
CA ASP A 299 8.57 7.28 7.09
C ASP A 299 7.96 6.12 6.31
N VAL A 300 6.62 6.01 6.30
CA VAL A 300 5.98 4.99 5.48
C VAL A 300 6.26 5.24 3.99
N GLN A 301 6.16 6.50 3.54
CA GLN A 301 6.38 6.80 2.12
C GLN A 301 7.85 6.60 1.75
N GLY A 302 8.77 7.12 2.58
CA GLY A 302 10.19 6.98 2.31
C GLY A 302 10.71 5.55 2.45
N GLY A 303 10.16 4.78 3.39
CA GLY A 303 10.51 3.36 3.43
C GLY A 303 9.95 2.57 2.25
N THR A 304 8.70 2.84 1.86
CA THR A 304 8.14 2.22 0.66
C THR A 304 9.07 2.43 -0.54
N LEU A 305 9.40 3.71 -0.82
CA LEU A 305 10.27 4.02 -1.96
C LEU A 305 11.67 3.46 -1.77
N GLY A 306 12.23 3.60 -0.56
CA GLY A 306 13.56 3.08 -0.33
C GLY A 306 13.62 1.60 -0.65
N TRP A 307 12.59 0.86 -0.27
CA TRP A 307 12.58 -0.59 -0.44
C TRP A 307 12.41 -0.96 -1.90
N MET A 308 11.51 -0.27 -2.62
CA MET A 308 11.34 -0.55 -4.04
C MET A 308 12.64 -0.33 -4.81
N ASN A 309 13.30 0.80 -4.56
CA ASN A 309 14.61 1.04 -5.17
C ASN A 309 15.59 -0.08 -4.80
N ALA A 310 15.63 -0.43 -3.51
CA ALA A 310 16.63 -1.38 -3.04
C ALA A 310 16.40 -2.79 -3.60
N GLU A 311 15.14 -3.16 -3.85
CA GLU A 311 14.84 -4.33 -4.69
C GLU A 311 14.89 -3.91 -6.15
N ARG A 312 16.07 -3.40 -6.54
CA ARG A 312 16.31 -2.67 -7.79
C ARG A 312 15.55 -3.22 -8.99
C1 FOH B . 2.62 -3.24 -1.60
C2 FOH B . 3.34 -1.92 -1.63
C3 FOH B . 2.48 -0.72 -1.54
C4 FOH B . 4.67 -1.83 -1.73
C5 FOH B . 5.67 -2.95 -1.79
C6 FOH B . 6.21 -3.26 -0.41
C7 FOH B . 5.15 -3.21 0.67
C8 FOH B . 4.92 -1.86 1.26
C9 FOH B . 4.54 -4.32 1.09
C10 FOH B . 3.63 -4.48 2.26
C11 FOH B . 2.37 -3.67 2.25
C12 FOH B . 1.12 -4.34 1.77
C13 FOH B . -0.06 -4.20 2.67
C14 FOH B . 1.03 -4.84 0.54
C15 FOH B . -0.23 -5.08 -0.15
O1 FOH B . -0.09 -4.62 -1.49
H1 FOH B . 1.68 -3.09 -1.38
H2 FOH B . 3.01 -3.82 -0.92
H3 FOH B . 2.68 -3.68 -2.46
H4 FOH B . 1.88 -0.69 -2.31
H5 FOH B . 3.03 0.09 -1.56
H6 FOH B . 1.96 -0.74 -0.72
H7 FOH B . 5.03 -0.96 -1.76
H8 FOH B . 6.40 -2.70 -2.38
H9 FOH B . 5.24 -3.75 -2.16
H10 FOH B . 6.91 -2.62 -0.19
H11 FOH B . 6.62 -4.15 -0.41
H12 FOH B . 4.03 -1.55 1.04
H13 FOH B . 5.57 -1.22 0.89
H14 FOH B . 5.03 -1.90 2.22
H15 FOH B . 4.71 -5.09 0.58
H16 FOH B . 4.13 -4.26 3.07
H17 FOH B . 3.37 -5.43 2.32
H18 FOH B . 2.53 -2.88 1.70
H19 FOH B . 2.21 -3.36 3.17
H20 FOH B . -0.70 -3.59 2.28
H21 FOH B . 0.23 -3.87 3.53
H22 FOH B . -0.48 -5.07 2.78
H23 FOH B . 1.84 -5.04 0.09
H24 FOH B . -0.97 -4.61 0.31
H25 FOH B . -0.43 -6.05 -0.14
H26 FOH B . -0.80 -4.79 -1.91
#